data_1Q50
#
_entry.id   1Q50
#
_cell.length_a   85.744
_cell.length_b   85.744
_cell.length_c   350.429
_cell.angle_alpha   90.00
_cell.angle_beta   90.00
_cell.angle_gamma   120.00
#
_symmetry.space_group_name_H-M   'P 61 2 2'
#
loop_
_entity.id
_entity.type
_entity.pdbx_description
1 polymer 'Glucose-6-phosphate isomerase'
2 water water
#
_entity_poly.entity_id   1
_entity_poly.type   'polypeptide(L)'
_entity_poly.pdbx_seq_one_letter_code
;GVTDSSLLNLPAWKRLQSLYEKYGNDSILSHFEKDHQRFQRYSIEIDLHSDDNFLFLDYSKSHINDEIKDALVALAEERG
VRAFAKAMFDGQRVNSTENRAVLHVALRNRSNRPIIVDGKDVMSDVNNVLAQMKDFTERVRSGEWKGQTGKSIYNIVNIG
IGGSDLGPVMVTEALKPFSKRDLHCFFVSNVDGTHMAEVLKQVNLEETIFIIASKTFTTQETLTNAMSARNALMSYLKEN
GISTDGAVAKHFVALSTNTEKVREFGIDTVNMFAFWDWVGGRYSVWSAIGLSVMLSIGYDNFVEFLTGAHVMDNHFASTP
TEQNLPMMLALVGIWYNNFFGSETQAVLPYDQYLWRLPAYLQQLDMESNGKGVTKKSGAVAVQTGPIVFGEAGTNGQHAF
YQLIHQGTKIIPCDFIGCVQTQNRVGDHHRTLMSNFFAQTEALMVGKNAEEVRQELVKSGMSGDAIENMIPHKTFTGSRP
SNSILVNALTPRALGAIIAMYEHKVLVQGAIWGINSYDQWGVELGKVLAKSILPQLKSGNIVSDHDGSTNGLINMFNTRA
H
;
_entity_poly.pdbx_strand_id   A
#
# COMPACT_ATOMS: atom_id res chain seq x y z
N GLY A 1 -3.32 22.35 -22.08
CA GLY A 1 -2.85 21.79 -23.39
C GLY A 1 -3.55 20.51 -23.93
N VAL A 2 -3.03 19.98 -25.06
CA VAL A 2 -3.55 18.77 -25.78
C VAL A 2 -2.74 17.49 -25.47
N THR A 3 -1.43 17.55 -25.69
CA THR A 3 -0.47 16.42 -25.55
C THR A 3 0.97 16.89 -25.20
N ASP A 4 1.58 16.26 -24.18
CA ASP A 4 2.87 16.68 -23.58
C ASP A 4 4.06 16.71 -24.57
N SER A 5 4.51 15.53 -25.04
CA SER A 5 5.69 15.39 -25.94
C SER A 5 7.05 15.69 -25.24
N SER A 6 7.03 16.20 -24.02
CA SER A 6 8.22 16.68 -23.32
C SER A 6 9.15 15.51 -23.07
N LEU A 7 8.65 14.57 -22.27
CA LEU A 7 9.39 13.39 -21.87
C LEU A 7 9.81 12.54 -23.07
N LEU A 8 8.88 12.44 -24.01
CA LEU A 8 9.14 11.67 -25.21
C LEU A 8 10.36 12.19 -25.99
N ASN A 9 10.75 13.45 -25.75
CA ASN A 9 11.85 14.07 -26.46
C ASN A 9 13.07 14.36 -25.62
N LEU A 10 13.19 13.72 -24.45
CA LEU A 10 14.41 13.83 -23.66
C LEU A 10 15.49 12.99 -24.29
N PRO A 11 16.72 13.46 -24.33
CA PRO A 11 17.84 12.63 -24.74
C PRO A 11 17.88 11.34 -23.95
N ALA A 12 17.62 11.40 -22.65
CA ALA A 12 17.67 10.18 -21.83
C ALA A 12 16.61 9.12 -22.17
N TRP A 13 15.41 9.55 -22.57
CA TRP A 13 14.36 8.60 -22.92
C TRP A 13 14.63 7.92 -24.24
N LYS A 14 15.02 8.68 -25.25
CA LYS A 14 15.40 8.17 -26.57
C LYS A 14 16.56 7.16 -26.47
N ARG A 15 17.54 7.50 -25.66
CA ARG A 15 18.70 6.70 -25.43
C ARG A 15 18.29 5.37 -24.82
N LEU A 16 17.27 5.40 -23.96
CA LEU A 16 16.75 4.16 -23.35
C LEU A 16 15.95 3.33 -24.34
N GLN A 17 15.25 3.94 -25.29
CA GLN A 17 14.65 3.18 -26.38
C GLN A 17 15.69 2.40 -27.17
N SER A 18 16.81 3.02 -27.53
CA SER A 18 17.82 2.33 -28.33
C SER A 18 18.39 1.14 -27.61
N LEU A 19 18.56 1.29 -26.31
CA LEU A 19 19.19 0.25 -25.52
C LEU A 19 18.22 -0.90 -25.35
N TYR A 20 16.93 -0.61 -25.34
CA TYR A 20 15.88 -1.61 -25.25
C TYR A 20 15.79 -2.35 -26.53
N GLU A 21 15.90 -1.60 -27.60
CA GLU A 21 15.82 -2.12 -28.96
C GLU A 21 16.99 -3.06 -29.24
N LYS A 22 18.13 -2.77 -28.63
CA LYS A 22 19.38 -3.45 -28.91
C LYS A 22 19.64 -4.64 -27.96
N TYR A 23 19.49 -4.39 -26.66
CA TYR A 23 19.77 -5.36 -25.59
C TYR A 23 18.51 -6.04 -25.03
N GLY A 24 17.35 -5.51 -25.37
CA GLY A 24 16.06 -6.07 -24.95
C GLY A 24 15.92 -7.58 -24.90
N ASN A 25 16.32 -8.25 -25.98
CA ASN A 25 16.18 -9.68 -26.09
C ASN A 25 17.27 -10.52 -25.41
N ASP A 26 18.30 -9.91 -24.85
CA ASP A 26 19.33 -10.67 -24.18
C ASP A 26 18.77 -11.29 -22.93
N SER A 27 19.14 -12.52 -22.66
CA SER A 27 18.61 -13.24 -21.52
C SER A 27 19.08 -12.57 -20.25
N ILE A 28 18.31 -12.74 -19.17
CA ILE A 28 18.75 -12.24 -17.88
C ILE A 28 20.07 -12.99 -17.53
N LEU A 29 20.11 -14.28 -17.82
CA LEU A 29 21.25 -15.10 -17.52
C LEU A 29 22.55 -14.60 -18.17
N SER A 30 22.44 -14.01 -19.34
CA SER A 30 23.64 -13.55 -20.01
C SER A 30 24.43 -12.46 -19.19
N HIS A 31 23.71 -11.64 -18.44
CA HIS A 31 24.31 -10.54 -17.72
C HIS A 31 25.12 -11.02 -16.52
N PHE A 32 24.82 -12.22 -16.01
CA PHE A 32 25.56 -12.83 -14.90
C PHE A 32 26.78 -13.57 -15.39
N GLU A 33 26.72 -14.08 -16.60
CA GLU A 33 27.85 -14.88 -17.14
C GLU A 33 29.07 -13.99 -17.40
N LYS A 34 28.82 -12.68 -17.58
CA LYS A 34 29.85 -11.64 -17.82
C LYS A 34 30.42 -11.09 -16.54
N ASP A 35 29.56 -10.69 -15.61
CA ASP A 35 30.09 -10.22 -14.35
C ASP A 35 29.70 -11.03 -13.13
N HIS A 36 30.74 -11.63 -12.54
CA HIS A 36 30.67 -12.56 -11.43
C HIS A 36 30.38 -11.87 -10.12
N GLN A 37 30.23 -10.56 -10.16
CA GLN A 37 29.83 -9.80 -8.98
C GLN A 37 28.49 -9.05 -9.26
N ARG A 38 27.66 -9.59 -10.18
CA ARG A 38 26.51 -8.82 -10.64
C ARG A 38 25.54 -8.60 -9.46
N PHE A 39 25.35 -9.65 -8.66
CA PHE A 39 24.57 -9.63 -7.45
C PHE A 39 24.87 -8.42 -6.60
N GLN A 40 26.13 -8.24 -6.25
CA GLN A 40 26.54 -7.16 -5.37
C GLN A 40 26.29 -5.77 -6.00
N ARG A 41 26.60 -5.69 -7.29
CA ARG A 41 26.54 -4.46 -8.05
C ARG A 41 25.10 -4.00 -8.34
N TYR A 42 24.18 -4.95 -8.22
CA TYR A 42 22.80 -4.69 -8.54
C TYR A 42 21.98 -5.02 -7.31
N SER A 43 22.52 -4.66 -6.15
CA SER A 43 21.78 -4.73 -4.91
C SER A 43 22.16 -3.57 -4.00
N ILE A 44 21.20 -3.11 -3.20
CA ILE A 44 21.39 -2.04 -2.22
C ILE A 44 20.89 -2.57 -0.85
N GLU A 45 21.68 -2.40 0.22
CA GLU A 45 21.29 -2.76 1.58
C GLU A 45 21.18 -1.48 2.40
N ILE A 46 20.05 -1.28 3.09
CA ILE A 46 19.88 -0.16 4.00
C ILE A 46 20.01 -0.65 5.43
N ASP A 47 20.83 0.05 6.21
CA ASP A 47 20.96 -0.27 7.61
C ASP A 47 19.73 0.38 8.27
N LEU A 48 19.00 -0.38 9.06
CA LEU A 48 17.80 0.10 9.75
C LEU A 48 18.12 0.62 11.15
N HIS A 49 19.37 0.46 11.58
CA HIS A 49 19.89 1.05 12.81
C HIS A 49 19.25 0.53 14.06
N SER A 50 18.96 -0.75 14.10
CA SER A 50 18.50 -1.33 15.33
C SER A 50 18.41 -2.80 15.16
N ASP A 51 18.96 -3.52 16.13
CA ASP A 51 18.87 -4.97 16.17
C ASP A 51 19.37 -5.72 14.96
N ASP A 52 20.38 -5.20 14.26
CA ASP A 52 20.88 -5.91 13.10
C ASP A 52 19.80 -6.04 12.06
N ASN A 53 18.79 -5.17 12.13
CA ASN A 53 17.74 -5.23 11.13
C ASN A 53 18.21 -4.45 9.92
N PHE A 54 17.70 -4.84 8.77
CA PHE A 54 18.10 -4.23 7.50
C PHE A 54 16.99 -4.36 6.48
N LEU A 55 17.08 -3.57 5.42
CA LEU A 55 16.26 -3.76 4.26
C LEU A 55 17.14 -3.77 3.01
N PHE A 56 17.04 -4.86 2.28
CA PHE A 56 17.90 -5.23 1.15
C PHE A 56 17.01 -5.51 -0.07
N LEU A 57 17.43 -4.93 -1.20
CA LEU A 57 16.85 -5.12 -2.51
C LEU A 57 17.89 -5.75 -3.44
N ASP A 58 17.55 -6.90 -4.01
CA ASP A 58 18.37 -7.50 -5.06
C ASP A 58 17.56 -7.40 -6.36
N TYR A 59 17.91 -6.42 -7.16
CA TYR A 59 17.26 -6.22 -8.45
C TYR A 59 18.11 -6.82 -9.59
N SER A 60 19.01 -7.78 -9.29
CA SER A 60 19.91 -8.37 -10.32
C SER A 60 19.24 -9.29 -11.32
N LYS A 61 18.12 -9.90 -10.92
CA LYS A 61 17.37 -10.76 -11.84
C LYS A 61 16.48 -9.92 -12.76
N SER A 62 17.13 -9.23 -13.69
CA SER A 62 16.49 -8.35 -14.64
C SER A 62 17.32 -8.20 -15.92
N HIS A 63 16.65 -7.74 -16.97
CA HIS A 63 17.18 -7.48 -18.33
C HIS A 63 17.86 -6.10 -18.39
N ILE A 64 18.84 -5.90 -17.53
CA ILE A 64 19.47 -4.62 -17.39
C ILE A 64 20.98 -4.86 -17.35
N ASN A 65 21.73 -4.32 -18.31
CA ASN A 65 23.20 -4.23 -18.20
C ASN A 65 23.62 -2.89 -17.65
N ASP A 66 24.92 -2.65 -17.54
CA ASP A 66 25.46 -1.38 -17.08
C ASP A 66 25.08 -0.16 -17.88
N GLU A 67 25.08 -0.27 -19.20
CA GLU A 67 24.65 0.86 -20.03
C GLU A 67 23.22 1.28 -19.73
N ILE A 68 22.34 0.29 -19.65
CA ILE A 68 20.91 0.49 -19.36
C ILE A 68 20.77 1.11 -17.96
N LYS A 69 21.47 0.55 -16.98
CA LYS A 69 21.47 1.11 -15.66
C LYS A 69 21.95 2.55 -15.73
N ASP A 70 23.02 2.82 -16.46
CA ASP A 70 23.53 4.20 -16.56
C ASP A 70 22.41 5.09 -17.13
N ALA A 71 21.70 4.60 -18.14
CA ALA A 71 20.71 5.44 -18.81
C ALA A 71 19.53 5.73 -17.92
N LEU A 72 19.18 4.77 -17.07
CA LEU A 72 18.02 4.90 -16.21
C LEU A 72 18.32 5.94 -15.17
N VAL A 73 19.58 5.94 -14.69
CA VAL A 73 19.97 6.93 -13.69
C VAL A 73 20.07 8.25 -14.39
N ALA A 74 20.51 8.27 -15.62
CA ALA A 74 20.53 9.56 -16.31
C ALA A 74 19.11 10.15 -16.32
N LEU A 75 18.11 9.33 -16.67
CA LEU A 75 16.71 9.77 -16.71
C LEU A 75 16.17 10.45 -15.43
N ALA A 76 16.39 9.81 -14.29
CA ALA A 76 16.08 10.37 -12.99
C ALA A 76 16.74 11.73 -12.74
N GLU A 77 17.98 11.90 -13.21
CA GLU A 77 18.65 13.20 -13.06
C GLU A 77 18.04 14.26 -13.99
N GLU A 78 17.98 13.95 -15.28
CA GLU A 78 17.38 14.82 -16.32
C GLU A 78 15.98 15.28 -15.99
N ARG A 79 15.28 14.55 -15.13
CA ARG A 79 13.91 14.85 -14.79
C ARG A 79 13.72 15.50 -13.42
N GLY A 80 14.79 15.71 -12.70
CA GLY A 80 14.75 16.49 -11.49
C GLY A 80 14.08 15.80 -10.35
N VAL A 81 14.29 14.51 -10.24
CA VAL A 81 13.58 13.69 -9.27
C VAL A 81 14.01 14.05 -7.88
N ARG A 82 15.31 14.10 -7.68
CA ARG A 82 15.84 14.43 -6.37
C ARG A 82 15.38 15.81 -5.89
N ALA A 83 15.44 16.79 -6.78
CA ALA A 83 14.99 18.14 -6.45
C ALA A 83 13.48 18.22 -6.19
N PHE A 84 12.70 17.36 -6.85
CA PHE A 84 11.26 17.34 -6.63
C PHE A 84 11.00 16.74 -5.25
N ALA A 85 11.72 15.67 -4.95
CA ALA A 85 11.56 15.05 -3.66
C ALA A 85 11.95 16.05 -2.56
N LYS A 86 12.98 16.87 -2.78
CA LYS A 86 13.40 17.82 -1.73
C LYS A 86 12.31 18.91 -1.48
N ALA A 87 11.67 19.33 -2.56
CA ALA A 87 10.61 20.33 -2.45
C ALA A 87 9.48 19.74 -1.60
N MET A 88 9.11 18.51 -1.93
CA MET A 88 8.02 17.84 -1.22
C MET A 88 8.36 17.76 0.24
N PHE A 89 9.58 17.28 0.54
CA PHE A 89 10.10 17.15 1.91
C PHE A 89 10.16 18.50 2.67
N ASP A 90 10.24 19.62 1.93
CA ASP A 90 10.30 20.98 2.51
C ASP A 90 8.94 21.67 2.68
N GLY A 91 7.87 20.98 2.32
CA GLY A 91 6.54 21.47 2.48
C GLY A 91 6.09 22.35 1.33
N GLN A 92 6.80 22.32 0.20
CA GLN A 92 6.30 23.01 -0.98
C GLN A 92 5.03 22.32 -1.52
N ARG A 93 4.29 23.01 -2.36
CA ARG A 93 2.95 22.56 -2.71
C ARG A 93 3.02 21.84 -4.00
N VAL A 94 3.49 20.61 -3.93
CA VAL A 94 3.74 19.78 -5.10
C VAL A 94 2.48 19.11 -5.67
N ASN A 95 1.45 19.00 -4.83
CA ASN A 95 0.11 18.57 -5.26
C ASN A 95 -0.53 19.76 -5.96
N SER A 96 -0.04 20.04 -7.15
CA SER A 96 -0.41 21.22 -7.90
C SER A 96 -1.93 21.34 -8.13
N THR A 97 -2.64 20.26 -8.43
CA THR A 97 -4.03 20.44 -8.79
C THR A 97 -4.90 20.73 -7.56
N GLU A 98 -4.46 20.33 -6.37
CA GLU A 98 -5.25 20.62 -5.18
C GLU A 98 -4.58 21.78 -4.44
N ASN A 99 -3.47 22.26 -5.01
CA ASN A 99 -2.65 23.32 -4.41
C ASN A 99 -2.38 23.10 -2.92
N ARG A 100 -1.91 21.89 -2.57
CA ARG A 100 -1.44 21.62 -1.22
C ARG A 100 -0.11 20.86 -1.12
N ALA A 101 0.42 20.88 0.08
CA ALA A 101 1.64 20.14 0.38
C ALA A 101 1.31 18.67 0.50
N VAL A 102 2.35 17.89 0.38
CA VAL A 102 2.29 16.46 0.53
C VAL A 102 3.33 16.07 1.56
N LEU A 103 2.88 15.80 2.77
CA LEU A 103 3.76 15.72 3.92
C LEU A 103 3.51 14.57 4.85
N HIS A 104 3.23 13.43 4.28
CA HIS A 104 3.33 12.21 5.06
C HIS A 104 4.74 12.00 5.73
N VAL A 105 5.80 12.53 5.19
CA VAL A 105 7.09 12.35 5.86
C VAL A 105 7.18 13.17 7.13
N ALA A 106 6.44 14.27 7.21
CA ALA A 106 6.36 15.02 8.48
C ALA A 106 5.79 14.22 9.65
N LEU A 107 4.89 13.27 9.36
CA LEU A 107 4.26 12.44 10.39
C LEU A 107 5.26 11.50 11.11
N ARG A 108 6.36 11.18 10.43
CA ARG A 108 7.39 10.30 10.97
C ARG A 108 8.74 11.02 11.07
N ASN A 109 8.73 12.33 11.06
CA ASN A 109 9.97 13.11 11.10
C ASN A 109 10.49 13.16 12.51
N ARG A 110 11.19 12.10 12.87
CA ARG A 110 11.72 11.89 14.22
C ARG A 110 12.74 12.94 14.63
N SER A 111 13.52 13.44 13.68
CA SER A 111 14.55 14.44 13.97
C SER A 111 13.91 15.78 14.20
N ASN A 112 12.66 15.90 13.78
CA ASN A 112 11.92 17.15 13.96
C ASN A 112 12.56 18.29 13.18
N ARG A 113 13.17 17.99 12.05
CA ARG A 113 13.50 19.04 11.07
C ARG A 113 12.26 19.96 10.80
N PRO A 114 12.36 21.24 11.15
CA PRO A 114 11.17 22.08 11.04
C PRO A 114 10.67 22.06 9.59
N ILE A 115 9.40 21.76 9.39
CA ILE A 115 8.76 21.79 8.07
C ILE A 115 7.68 22.89 8.09
N ILE A 116 7.93 23.92 7.32
CA ILE A 116 7.12 25.15 7.37
C ILE A 116 6.04 25.26 6.30
N VAL A 117 4.77 25.22 6.74
CA VAL A 117 3.58 25.42 5.90
C VAL A 117 2.62 26.54 6.42
N ASP A 118 2.28 27.50 5.52
CA ASP A 118 1.45 28.65 5.85
C ASP A 118 1.94 29.32 7.14
N GLY A 119 3.26 29.60 7.18
CA GLY A 119 3.87 30.30 8.30
C GLY A 119 3.87 29.58 9.64
N LYS A 120 3.75 28.27 9.63
CA LYS A 120 3.74 27.51 10.87
C LYS A 120 4.53 26.22 10.67
N ASP A 121 5.15 25.72 11.71
CA ASP A 121 5.92 24.49 11.63
C ASP A 121 4.90 23.42 11.94
N VAL A 122 4.70 22.48 11.04
CA VAL A 122 3.68 21.49 11.24
C VAL A 122 4.07 20.47 12.30
N MET A 123 5.32 20.42 12.66
CA MET A 123 5.78 19.46 13.65
C MET A 123 5.30 19.73 15.09
N SER A 124 5.04 20.98 15.48
CA SER A 124 4.28 21.18 16.72
C SER A 124 3.06 20.33 16.70
N ASP A 125 2.31 20.42 15.58
CA ASP A 125 1.05 19.70 15.42
C ASP A 125 1.25 18.18 15.39
N VAL A 126 2.20 17.69 14.62
CA VAL A 126 2.39 16.24 14.52
C VAL A 126 2.68 15.73 15.91
N ASN A 127 3.58 16.40 16.60
CA ASN A 127 4.10 15.91 17.88
C ASN A 127 3.04 16.03 18.94
N ASN A 128 2.32 17.13 18.93
CA ASN A 128 1.20 17.29 19.85
C ASN A 128 0.19 16.10 19.77
N VAL A 129 -0.18 15.72 18.55
CA VAL A 129 -1.16 14.67 18.35
C VAL A 129 -0.58 13.32 18.76
N LEU A 130 0.65 13.05 18.33
CA LEU A 130 1.34 11.83 18.75
C LEU A 130 1.33 11.65 20.28
N ALA A 131 1.68 12.71 21.01
CA ALA A 131 1.62 12.75 22.49
C ALA A 131 0.19 12.57 23.05
N GLN A 132 -0.78 12.99 22.29
CA GLN A 132 -2.16 12.85 22.71
C GLN A 132 -2.58 11.37 22.49
N MET A 133 -2.16 10.79 21.37
CA MET A 133 -2.42 9.38 21.09
C MET A 133 -1.71 8.50 22.11
N LYS A 134 -0.49 8.91 22.47
CA LYS A 134 0.30 8.22 23.52
C LYS A 134 -0.47 8.11 24.81
N ASP A 135 -0.96 9.25 25.29
CA ASP A 135 -1.61 9.29 26.59
C ASP A 135 -2.91 8.47 26.60
N PHE A 136 -3.68 8.61 25.51
CA PHE A 136 -4.90 7.85 25.30
C PHE A 136 -4.66 6.38 25.14
N THR A 137 -3.72 5.98 24.30
CA THR A 137 -3.52 4.55 24.09
C THR A 137 -2.98 3.91 25.32
N GLU A 138 -2.09 4.58 26.01
CA GLU A 138 -1.58 4.06 27.29
C GLU A 138 -2.71 3.74 28.23
N ARG A 139 -3.68 4.65 28.36
CA ARG A 139 -4.80 4.42 29.28
C ARG A 139 -5.78 3.33 28.83
N VAL A 140 -6.03 3.17 27.52
CA VAL A 140 -6.86 2.05 27.09
C VAL A 140 -6.16 0.74 27.40
N ARG A 141 -4.91 0.65 26.98
CA ARG A 141 -4.18 -0.62 27.08
C ARG A 141 -3.92 -1.08 28.51
N SER A 142 -3.68 -0.14 29.43
CA SER A 142 -3.49 -0.47 30.84
C SER A 142 -4.76 -0.89 31.56
N GLY A 143 -5.90 -0.70 30.91
CA GLY A 143 -7.19 -0.90 31.52
C GLY A 143 -7.71 0.24 32.37
N GLU A 144 -6.99 1.36 32.45
CA GLU A 144 -7.46 2.49 33.29
C GLU A 144 -8.71 3.17 32.74
N TRP A 145 -8.89 3.13 31.44
CA TRP A 145 -10.04 3.75 30.79
C TRP A 145 -11.20 2.81 30.93
N LYS A 146 -12.26 3.32 31.48
CA LYS A 146 -13.37 2.49 31.82
C LYS A 146 -14.59 2.93 31.07
N GLY A 147 -15.37 1.95 30.62
CA GLY A 147 -16.67 2.18 30.00
C GLY A 147 -17.76 2.62 30.98
N GLN A 148 -18.98 2.76 30.48
CA GLN A 148 -19.97 3.38 31.34
C GLN A 148 -20.30 2.53 32.59
N THR A 149 -20.10 1.20 32.50
CA THR A 149 -20.34 0.26 33.63
C THR A 149 -19.12 0.07 34.60
N GLY A 150 -17.96 0.64 34.24
CA GLY A 150 -16.80 0.61 35.12
C GLY A 150 -15.76 -0.41 34.63
N LYS A 151 -16.03 -1.07 33.51
CA LYS A 151 -15.19 -2.12 32.98
C LYS A 151 -14.10 -1.61 32.04
N SER A 152 -12.95 -2.29 32.01
CA SER A 152 -11.86 -1.99 31.05
C SER A 152 -12.25 -2.40 29.66
N ILE A 153 -11.50 -1.89 28.69
CA ILE A 153 -11.85 -2.04 27.31
C ILE A 153 -11.08 -3.18 26.68
N TYR A 154 -11.80 -3.98 25.89
CA TYR A 154 -11.25 -5.16 25.22
C TYR A 154 -11.53 -5.18 23.71
N ASN A 155 -12.28 -4.21 23.20
CA ASN A 155 -12.53 -4.12 21.75
C ASN A 155 -12.40 -2.67 21.19
N ILE A 156 -11.99 -2.60 19.93
CA ILE A 156 -11.83 -1.34 19.28
C ILE A 156 -12.44 -1.56 17.94
N VAL A 157 -13.52 -0.85 17.65
CA VAL A 157 -14.02 -0.89 16.31
C VAL A 157 -13.81 0.46 15.71
N ASN A 158 -13.06 0.42 14.61
CA ASN A 158 -12.65 1.53 13.80
C ASN A 158 -13.68 1.72 12.69
N ILE A 159 -14.31 2.89 12.59
CA ILE A 159 -15.29 3.17 11.57
C ILE A 159 -14.64 4.21 10.59
N GLY A 160 -14.45 3.85 9.33
CA GLY A 160 -13.88 4.74 8.31
C GLY A 160 -14.28 4.39 6.86
N ILE A 161 -13.32 4.42 5.93
CA ILE A 161 -13.48 3.97 4.52
C ILE A 161 -12.17 3.99 3.75
N GLY A 162 -12.13 3.21 2.65
CA GLY A 162 -11.03 3.25 1.71
C GLY A 162 -9.72 3.34 2.45
N GLY A 163 -8.86 4.31 2.09
CA GLY A 163 -7.51 4.50 2.64
C GLY A 163 -7.27 4.57 4.16
N SER A 164 -8.29 5.14 4.83
CA SER A 164 -8.44 5.26 6.29
C SER A 164 -8.87 3.92 6.97
N ASP A 165 -8.95 2.86 6.16
CA ASP A 165 -9.28 1.52 6.61
C ASP A 165 -8.18 0.48 6.17
N LEU A 166 -7.59 0.63 4.97
CA LEU A 166 -6.72 -0.37 4.40
C LEU A 166 -5.35 -0.40 5.07
N GLY A 167 -4.82 0.78 5.39
CA GLY A 167 -3.57 0.89 6.15
C GLY A 167 -3.70 0.27 7.52
N PRO A 168 -4.59 0.79 8.33
CA PRO A 168 -4.78 0.20 9.64
C PRO A 168 -4.96 -1.32 9.60
N VAL A 169 -5.70 -1.82 8.60
CA VAL A 169 -5.93 -3.26 8.53
C VAL A 169 -4.61 -3.99 8.18
N MET A 170 -3.96 -3.58 7.11
CA MET A 170 -2.73 -4.21 6.66
C MET A 170 -1.68 -4.26 7.75
N VAL A 171 -1.57 -3.16 8.52
CA VAL A 171 -0.50 -2.96 9.48
C VAL A 171 -0.78 -3.71 10.74
N THR A 172 -2.02 -3.67 11.26
CA THR A 172 -2.29 -4.39 12.50
C THR A 172 -2.21 -5.90 12.23
N GLU A 173 -2.57 -6.30 11.02
CA GLU A 173 -2.38 -7.68 10.56
C GLU A 173 -0.89 -8.03 10.45
N ALA A 174 -0.14 -7.16 9.80
CA ALA A 174 1.30 -7.34 9.60
C ALA A 174 2.08 -7.51 10.91
N LEU A 175 1.56 -6.97 11.99
CA LEU A 175 2.25 -6.88 13.24
C LEU A 175 1.44 -7.51 14.39
N LYS A 176 0.58 -8.50 14.12
CA LYS A 176 -0.07 -9.24 15.23
C LYS A 176 0.94 -9.64 16.30
N PRO A 177 2.14 -10.16 15.97
CA PRO A 177 3.03 -10.72 17.02
C PRO A 177 3.41 -9.67 18.08
N PHE A 178 3.38 -8.39 17.69
CA PHE A 178 3.65 -7.22 18.56
C PHE A 178 2.40 -6.65 19.28
N SER A 179 1.26 -7.22 18.97
CA SER A 179 0.00 -6.71 19.47
C SER A 179 -0.39 -7.24 20.85
N LYS A 180 -1.13 -6.44 21.59
CA LYS A 180 -1.84 -6.89 22.75
C LYS A 180 -2.90 -7.93 22.28
N ARG A 181 -2.72 -9.18 22.70
CA ARG A 181 -3.56 -10.32 22.21
C ARG A 181 -4.97 -10.19 22.75
N ASP A 182 -4.99 -9.70 23.98
CA ASP A 182 -6.11 -9.37 24.81
C ASP A 182 -7.23 -8.58 24.12
N LEU A 183 -6.90 -7.40 23.58
CA LEU A 183 -7.92 -6.56 22.97
C LEU A 183 -7.93 -6.72 21.46
N HIS A 184 -9.14 -6.93 20.94
CA HIS A 184 -9.37 -7.28 19.57
C HIS A 184 -9.86 -6.02 18.83
N CYS A 185 -9.48 -5.93 17.56
CA CYS A 185 -9.75 -4.78 16.72
C CYS A 185 -10.60 -5.21 15.58
N PHE A 186 -11.54 -4.37 15.20
CA PHE A 186 -12.42 -4.60 14.07
C PHE A 186 -12.38 -3.40 13.19
N PHE A 187 -12.68 -3.61 11.92
CA PHE A 187 -12.56 -2.54 10.96
C PHE A 187 -13.80 -2.57 10.09
N VAL A 188 -14.73 -1.68 10.41
CA VAL A 188 -15.94 -1.47 9.62
C VAL A 188 -15.76 -0.36 8.61
N SER A 189 -16.20 -0.64 7.40
CA SER A 189 -16.08 0.29 6.30
C SER A 189 -17.30 0.29 5.36
N ASN A 190 -17.92 -0.88 5.16
CA ASN A 190 -19.13 -1.04 4.31
C ASN A 190 -20.37 -0.24 4.73
N VAL A 191 -21.00 0.31 3.69
CA VAL A 191 -22.14 1.24 3.74
C VAL A 191 -23.36 0.64 4.44
N ASP A 192 -23.67 -0.61 4.10
CA ASP A 192 -24.79 -1.31 4.76
C ASP A 192 -24.29 -1.90 6.10
N GLY A 193 -25.05 -1.66 7.16
CA GLY A 193 -24.58 -1.94 8.50
C GLY A 193 -24.49 -3.41 8.85
N THR A 194 -24.25 -4.27 7.83
CA THR A 194 -24.09 -5.73 7.94
C THR A 194 -22.91 -6.09 8.83
N HIS A 195 -21.77 -5.49 8.49
CA HIS A 195 -20.55 -5.61 9.26
C HIS A 195 -20.75 -4.97 10.63
N MET A 196 -21.36 -3.79 10.68
CA MET A 196 -21.54 -3.12 11.96
C MET A 196 -22.44 -3.96 12.87
N ALA A 197 -23.52 -4.53 12.34
CA ALA A 197 -24.42 -5.38 13.12
C ALA A 197 -23.72 -6.68 13.53
N GLU A 198 -22.79 -7.13 12.69
CA GLU A 198 -22.03 -8.34 12.98
C GLU A 198 -21.19 -8.11 14.25
N VAL A 199 -20.43 -7.01 14.23
CA VAL A 199 -19.54 -6.66 15.33
C VAL A 199 -20.33 -6.32 16.63
N LEU A 200 -21.53 -5.76 16.49
CA LEU A 200 -22.38 -5.37 17.63
C LEU A 200 -22.96 -6.53 18.42
N LYS A 201 -23.19 -7.64 17.73
CA LYS A 201 -23.69 -8.83 18.40
C LYS A 201 -22.51 -9.70 18.79
N GLN A 202 -21.31 -9.22 18.51
CA GLN A 202 -20.10 -9.92 18.92
C GLN A 202 -19.41 -9.27 20.14
N VAL A 203 -19.30 -7.94 20.12
CA VAL A 203 -18.69 -7.23 21.21
C VAL A 203 -19.68 -6.97 22.33
N ASN A 204 -19.17 -6.99 23.53
CA ASN A 204 -19.89 -6.56 24.71
C ASN A 204 -19.66 -5.03 24.76
N LEU A 205 -20.70 -4.28 24.48
CA LEU A 205 -20.62 -2.81 24.36
C LEU A 205 -20.03 -2.13 25.60
N GLU A 206 -20.20 -2.76 26.75
CA GLU A 206 -19.64 -2.21 27.99
C GLU A 206 -18.11 -2.16 27.96
N GLU A 207 -17.52 -2.89 27.01
CA GLU A 207 -16.10 -3.17 26.96
C GLU A 207 -15.44 -2.69 25.65
N THR A 208 -16.10 -1.78 24.92
CA THR A 208 -15.65 -1.40 23.58
C THR A 208 -15.66 0.10 23.29
N ILE A 209 -14.57 0.58 22.68
CA ILE A 209 -14.44 1.94 22.21
C ILE A 209 -14.66 1.86 20.69
N PHE A 210 -15.25 2.90 20.09
CA PHE A 210 -15.42 2.99 18.65
C PHE A 210 -14.63 4.19 18.19
N ILE A 211 -13.73 4.03 17.23
CA ILE A 211 -13.04 5.17 16.65
C ILE A 211 -13.84 5.63 15.42
N ILE A 212 -14.17 6.92 15.32
CA ILE A 212 -14.85 7.50 14.16
C ILE A 212 -13.88 8.37 13.30
N ALA A 213 -13.43 7.85 12.15
CA ALA A 213 -12.51 8.60 11.27
C ALA A 213 -13.28 9.48 10.27
N SER A 214 -13.19 10.80 10.41
CA SER A 214 -13.81 11.71 9.46
C SER A 214 -13.30 13.13 9.64
N LYS A 215 -12.71 13.70 8.60
CA LYS A 215 -12.14 15.03 8.77
C LYS A 215 -13.18 16.08 9.10
N THR A 216 -14.28 16.13 8.35
CA THR A 216 -15.34 17.11 8.64
C THR A 216 -16.29 16.60 9.74
N PHE A 217 -16.29 15.29 9.93
CA PHE A 217 -17.18 14.62 10.90
C PHE A 217 -18.68 14.74 10.53
N THR A 218 -18.96 14.81 9.22
CA THR A 218 -20.34 14.89 8.69
C THR A 218 -20.61 13.78 7.68
N THR A 219 -19.51 13.26 7.10
CA THR A 219 -19.52 12.31 5.99
C THR A 219 -20.62 11.29 6.19
N GLN A 220 -21.68 11.37 5.37
CA GLN A 220 -22.89 10.55 5.62
C GLN A 220 -22.53 9.08 5.78
N GLU A 221 -21.63 8.61 4.92
CA GLU A 221 -21.19 7.22 4.88
C GLU A 221 -20.77 6.70 6.30
N THR A 222 -19.69 7.23 6.87
CA THR A 222 -19.15 6.70 8.14
C THR A 222 -19.96 7.13 9.39
N LEU A 223 -20.60 8.29 9.31
CA LEU A 223 -21.46 8.79 10.37
C LEU A 223 -22.78 8.01 10.46
N THR A 224 -23.14 7.33 9.39
CA THR A 224 -24.26 6.46 9.44
C THR A 224 -23.88 5.27 10.27
N ASN A 225 -22.72 4.68 10.00
CA ASN A 225 -22.27 3.56 10.81
C ASN A 225 -22.01 3.95 12.29
N ALA A 226 -21.40 5.11 12.49
CA ALA A 226 -21.27 5.71 13.82
C ALA A 226 -22.59 5.84 14.57
N MET A 227 -23.58 6.36 13.89
CA MET A 227 -24.90 6.43 14.52
C MET A 227 -25.46 5.05 14.92
N SER A 228 -25.26 3.99 14.12
CA SER A 228 -25.77 2.68 14.49
C SER A 228 -25.20 2.28 15.84
N ALA A 229 -23.87 2.42 15.92
CA ALA A 229 -23.11 2.16 17.15
C ALA A 229 -23.64 3.02 18.30
N ARG A 230 -23.78 4.32 18.04
CA ARG A 230 -24.28 5.21 19.09
C ARG A 230 -25.68 4.81 19.51
N ASN A 231 -26.55 4.54 18.55
CA ASN A 231 -27.95 4.15 18.87
C ASN A 231 -27.99 2.82 19.67
N ALA A 232 -27.10 1.89 19.32
CA ALA A 232 -27.05 0.64 20.05
C ALA A 232 -26.58 0.88 21.48
N LEU A 233 -25.61 1.76 21.68
CA LEU A 233 -25.14 2.07 23.02
C LEU A 233 -26.25 2.63 23.89
N MET A 234 -26.99 3.59 23.35
CA MET A 234 -28.11 4.24 24.08
C MET A 234 -29.21 3.21 24.35
N SER A 235 -29.48 2.39 23.35
CA SER A 235 -30.45 1.36 23.50
C SER A 235 -30.08 0.42 24.63
N TYR A 236 -28.85 -0.08 24.57
CA TYR A 236 -28.32 -1.04 25.50
C TYR A 236 -28.32 -0.51 26.93
N LEU A 237 -27.96 0.74 27.16
CA LEU A 237 -28.04 1.29 28.53
C LEU A 237 -29.48 1.41 29.05
N LYS A 238 -30.36 1.84 28.16
CA LYS A 238 -31.77 2.07 28.42
C LYS A 238 -32.43 0.80 28.99
N GLU A 239 -32.26 -0.31 28.26
CA GLU A 239 -32.86 -1.63 28.58
C GLU A 239 -32.39 -2.21 29.90
N ASN A 240 -31.07 -2.13 30.08
CA ASN A 240 -30.40 -2.59 31.28
C ASN A 240 -30.40 -1.49 32.37
N GLY A 241 -31.24 -0.46 32.20
CA GLY A 241 -31.37 0.63 33.15
C GLY A 241 -30.07 1.22 33.72
N ILE A 242 -29.11 1.54 32.82
CA ILE A 242 -27.85 2.23 33.15
C ILE A 242 -27.90 3.73 32.66
N SER A 243 -27.57 4.67 33.52
CA SER A 243 -27.39 6.07 33.13
C SER A 243 -26.72 6.24 31.78
N THR A 244 -27.28 7.09 30.94
CA THR A 244 -26.59 7.49 29.70
C THR A 244 -25.66 8.68 29.88
N ASP A 245 -25.64 9.25 31.08
CA ASP A 245 -24.90 10.48 31.32
C ASP A 245 -23.38 10.30 31.15
N GLY A 246 -22.83 10.83 30.06
CA GLY A 246 -21.40 10.81 29.78
C GLY A 246 -20.91 9.54 29.05
N ALA A 247 -21.91 8.76 28.60
CA ALA A 247 -21.71 7.42 28.08
C ALA A 247 -20.99 7.38 26.75
N VAL A 248 -21.38 8.22 25.83
CA VAL A 248 -20.80 8.24 24.49
C VAL A 248 -19.34 8.68 24.54
N ALA A 249 -19.03 9.58 25.48
CA ALA A 249 -17.68 10.11 25.73
C ALA A 249 -16.77 9.06 26.25
N LYS A 250 -17.35 8.06 26.93
CA LYS A 250 -16.58 6.92 27.43
C LYS A 250 -16.44 5.82 26.44
N HIS A 251 -17.21 5.85 25.35
CA HIS A 251 -17.16 4.75 24.37
C HIS A 251 -16.90 5.13 22.93
N PHE A 252 -16.59 6.41 22.70
CA PHE A 252 -16.32 6.92 21.36
C PHE A 252 -15.21 7.93 21.38
N VAL A 253 -14.41 7.86 20.31
CA VAL A 253 -13.40 8.83 19.99
C VAL A 253 -13.42 9.18 18.51
N ALA A 254 -12.81 10.33 18.19
CA ALA A 254 -12.75 10.85 16.82
C ALA A 254 -11.35 11.17 16.28
N LEU A 255 -11.22 10.93 14.98
CA LEU A 255 -10.08 11.34 14.21
C LEU A 255 -10.71 12.38 13.29
N SER A 256 -10.48 13.65 13.62
CA SER A 256 -11.11 14.74 12.92
C SER A 256 -10.47 16.07 13.32
N THR A 257 -10.84 17.14 12.60
CA THR A 257 -10.47 18.51 13.00
C THR A 257 -11.63 19.35 13.44
N ASN A 258 -12.85 18.88 13.13
CA ASN A 258 -14.12 19.60 13.39
C ASN A 258 -14.52 19.54 14.86
N THR A 259 -13.83 20.30 15.69
CA THR A 259 -14.03 20.27 17.13
C THR A 259 -15.55 20.29 17.56
N GLU A 260 -16.33 21.26 17.13
CA GLU A 260 -17.73 21.35 17.60
C GLU A 260 -18.69 20.24 17.10
N LYS A 261 -18.54 19.82 15.87
CA LYS A 261 -19.32 18.71 15.37
C LYS A 261 -19.05 17.34 16.10
N VAL A 262 -17.81 17.13 16.55
CA VAL A 262 -17.44 15.95 17.31
C VAL A 262 -18.04 15.98 18.70
N ARG A 263 -17.94 17.15 19.28
CA ARG A 263 -18.47 17.44 20.60
C ARG A 263 -20.01 17.28 20.65
N GLU A 264 -20.68 17.62 19.55
CA GLU A 264 -22.12 17.50 19.43
C GLU A 264 -22.50 16.02 19.42
N PHE A 265 -21.62 15.19 18.84
CA PHE A 265 -21.91 13.77 18.73
C PHE A 265 -21.92 13.11 20.13
N GLY A 266 -21.42 13.82 21.13
CA GLY A 266 -21.23 13.25 22.44
C GLY A 266 -19.79 12.85 22.75
N ILE A 267 -18.89 13.00 21.78
CA ILE A 267 -17.47 12.73 22.03
C ILE A 267 -16.82 13.90 22.80
N ASP A 268 -15.92 13.54 23.69
CA ASP A 268 -15.07 14.49 24.38
C ASP A 268 -13.87 14.89 23.50
N THR A 269 -13.71 16.17 23.23
CA THR A 269 -12.71 16.63 22.25
C THR A 269 -11.26 16.50 22.72
N VAL A 270 -11.05 16.24 23.99
CA VAL A 270 -9.74 15.77 24.43
C VAL A 270 -9.37 14.47 23.65
N ASN A 271 -10.39 13.78 23.12
CA ASN A 271 -10.28 12.54 22.34
C ASN A 271 -10.62 12.73 20.85
N MET A 272 -10.31 13.94 20.38
CA MET A 272 -10.28 14.22 18.95
C MET A 272 -8.85 14.29 18.50
N PHE A 273 -8.48 13.40 17.61
CA PHE A 273 -7.11 13.31 17.15
C PHE A 273 -7.06 13.91 15.77
N ALA A 274 -6.34 14.98 15.64
CA ALA A 274 -6.31 15.69 14.37
C ALA A 274 -5.35 15.07 13.38
N PHE A 275 -5.61 15.30 12.10
CA PHE A 275 -4.70 15.09 11.00
C PHE A 275 -4.98 16.18 9.97
N TRP A 276 -4.19 16.27 8.92
CA TRP A 276 -4.23 17.49 8.08
C TRP A 276 -4.43 17.25 6.59
N ASP A 277 -4.77 18.29 5.88
CA ASP A 277 -5.00 18.21 4.42
C ASP A 277 -3.87 17.56 3.59
N TRP A 278 -2.63 17.70 4.06
CA TRP A 278 -1.46 17.26 3.38
C TRP A 278 -1.11 15.81 3.72
N VAL A 279 -2.05 15.13 4.39
CA VAL A 279 -2.07 13.70 4.56
C VAL A 279 -3.07 13.08 3.63
N GLY A 280 -2.65 12.57 2.48
CA GLY A 280 -3.53 11.85 1.55
C GLY A 280 -3.96 10.54 2.13
N GLY A 281 -5.16 10.05 1.77
CA GLY A 281 -5.77 8.90 2.39
C GLY A 281 -4.89 7.66 2.34
N ARG A 282 -4.22 7.52 1.20
CA ARG A 282 -3.36 6.42 0.94
C ARG A 282 -1.97 6.54 1.51
N TYR A 283 -1.81 7.55 2.36
CA TYR A 283 -0.54 7.93 3.00
C TYR A 283 -0.78 8.31 4.45
N SER A 284 -1.83 7.75 5.05
CA SER A 284 -2.34 8.26 6.29
C SER A 284 -2.13 7.39 7.51
N VAL A 285 -1.65 6.16 7.34
CA VAL A 285 -1.56 5.27 8.52
C VAL A 285 -0.66 5.79 9.60
N TRP A 286 0.27 6.63 9.18
CA TRP A 286 1.34 7.16 10.00
C TRP A 286 0.83 8.28 10.92
N SER A 287 -0.32 8.83 10.55
CA SER A 287 -1.00 9.90 11.30
C SER A 287 -1.99 9.35 12.31
N ALA A 288 -2.85 10.23 12.79
CA ALA A 288 -3.84 9.86 13.75
C ALA A 288 -4.75 8.83 13.17
N ILE A 289 -4.86 8.75 11.85
CA ILE A 289 -5.63 7.69 11.22
C ILE A 289 -5.15 6.30 11.66
N GLY A 290 -3.91 6.20 12.18
CA GLY A 290 -3.35 4.94 12.66
C GLY A 290 -3.60 4.58 14.12
N LEU A 291 -4.58 5.23 14.69
CA LEU A 291 -4.81 5.12 16.13
C LEU A 291 -5.11 3.65 16.51
N SER A 292 -5.97 2.94 15.77
CA SER A 292 -6.18 1.53 16.08
C SER A 292 -4.87 0.75 16.08
N VAL A 293 -3.98 1.03 15.12
CA VAL A 293 -2.64 0.42 15.12
C VAL A 293 -1.92 0.61 16.48
N MET A 294 -1.82 1.88 16.92
CA MET A 294 -1.13 2.22 18.15
C MET A 294 -1.84 1.62 19.36
N LEU A 295 -3.15 1.54 19.32
CA LEU A 295 -3.89 0.80 20.36
C LEU A 295 -3.45 -0.62 20.40
N SER A 296 -3.22 -1.20 19.23
CA SER A 296 -2.94 -2.62 19.14
C SER A 296 -1.54 -3.00 19.55
N ILE A 297 -0.52 -2.29 19.04
CA ILE A 297 0.91 -2.62 19.21
C ILE A 297 1.58 -1.70 20.22
N GLY A 298 0.82 -0.72 20.69
CA GLY A 298 1.30 0.25 21.66
C GLY A 298 2.15 1.36 21.06
N TYR A 299 2.41 2.40 21.86
CA TYR A 299 3.04 3.62 21.44
C TYR A 299 4.48 3.38 21.00
N ASP A 300 5.24 2.61 21.78
CA ASP A 300 6.64 2.36 21.46
C ASP A 300 6.76 1.67 20.12
N ASN A 301 5.94 0.67 19.89
CA ASN A 301 6.01 -0.03 18.61
C ASN A 301 5.56 0.85 17.45
N PHE A 302 4.66 1.77 17.71
CA PHE A 302 4.24 2.74 16.69
C PHE A 302 5.41 3.70 16.35
N VAL A 303 6.13 4.13 17.37
CA VAL A 303 7.29 4.97 17.14
C VAL A 303 8.30 4.21 16.30
N GLU A 304 8.47 2.94 16.60
CA GLU A 304 9.41 2.12 15.80
C GLU A 304 9.00 2.05 14.34
N PHE A 305 7.70 1.92 14.10
CA PHE A 305 7.10 1.85 12.76
C PHE A 305 7.36 3.16 12.01
N LEU A 306 7.03 4.27 12.64
CA LEU A 306 7.41 5.63 12.18
C LEU A 306 8.92 5.83 11.88
N THR A 307 9.76 5.31 12.79
CA THR A 307 11.21 5.45 12.67
C THR A 307 11.75 4.70 11.43
N GLY A 308 11.22 3.49 11.24
CA GLY A 308 11.49 2.70 10.06
C GLY A 308 11.28 3.48 8.77
N ALA A 309 10.19 4.23 8.73
CA ALA A 309 9.85 5.01 7.54
C ALA A 309 10.80 6.18 7.37
N HIS A 310 11.16 6.80 8.47
CA HIS A 310 12.08 7.94 8.52
C HIS A 310 13.53 7.60 8.11
N VAL A 311 13.99 6.44 8.57
CA VAL A 311 15.25 5.91 8.09
C VAL A 311 15.12 5.79 6.59
N MET A 312 13.97 5.32 6.11
CA MET A 312 13.79 5.20 4.67
C MET A 312 13.85 6.57 4.02
N ASP A 313 13.19 7.56 4.61
CA ASP A 313 13.15 8.95 4.11
C ASP A 313 14.51 9.54 3.97
N ASN A 314 15.37 9.32 4.96
CA ASN A 314 16.70 9.95 4.97
C ASN A 314 17.53 9.28 3.90
N HIS A 315 17.34 7.98 3.77
CA HIS A 315 18.11 7.22 2.82
C HIS A 315 17.82 7.81 1.48
N PHE A 316 16.55 8.04 1.23
CA PHE A 316 16.02 8.38 -0.09
C PHE A 316 16.42 9.81 -0.45
N ALA A 317 16.47 10.69 0.55
CA ALA A 317 16.84 12.09 0.29
C ALA A 317 18.32 12.21 0.07
N SER A 318 19.10 11.47 0.85
CA SER A 318 20.53 11.69 0.96
C SER A 318 21.36 10.86 0.00
N THR A 319 20.82 9.77 -0.57
CA THR A 319 21.72 8.89 -1.26
C THR A 319 21.61 9.01 -2.79
N PRO A 320 22.76 9.14 -3.48
CA PRO A 320 22.78 9.36 -4.94
C PRO A 320 22.10 8.20 -5.69
N THR A 321 21.49 8.49 -6.85
CA THR A 321 20.54 7.55 -7.43
C THR A 321 21.03 6.10 -7.68
N GLU A 322 22.25 5.86 -8.21
CA GLU A 322 22.80 4.48 -8.40
C GLU A 322 22.66 3.56 -7.18
N GLN A 323 22.66 4.16 -6.00
CA GLN A 323 22.70 3.39 -4.78
C GLN A 323 21.50 3.67 -3.86
N ASN A 324 20.47 4.28 -4.43
CA ASN A 324 19.29 4.77 -3.73
C ASN A 324 18.13 3.83 -3.98
N LEU A 325 17.71 3.16 -2.94
CA LEU A 325 16.98 1.94 -3.10
C LEU A 325 15.64 2.18 -3.73
N PRO A 326 14.87 3.13 -3.25
CA PRO A 326 13.58 3.42 -3.89
C PRO A 326 13.72 3.95 -5.31
N MET A 327 14.79 4.70 -5.57
CA MET A 327 15.03 5.10 -6.94
C MET A 327 15.29 3.96 -7.87
N MET A 328 16.08 3.01 -7.46
CA MET A 328 16.40 1.89 -8.34
C MET A 328 15.16 1.06 -8.57
N LEU A 329 14.39 0.87 -7.51
CA LEU A 329 13.16 0.11 -7.55
C LEU A 329 12.21 0.70 -8.56
N ALA A 330 12.14 2.03 -8.58
CA ALA A 330 11.25 2.74 -9.48
C ALA A 330 11.73 2.64 -10.93
N LEU A 331 13.06 2.61 -11.08
CA LEU A 331 13.66 2.61 -12.39
C LEU A 331 13.50 1.24 -13.02
N VAL A 332 13.73 0.15 -12.29
CA VAL A 332 13.58 -1.14 -12.93
C VAL A 332 12.11 -1.31 -13.29
N GLY A 333 11.20 -0.83 -12.46
CA GLY A 333 9.80 -0.80 -12.82
C GLY A 333 9.41 -0.01 -14.08
N ILE A 334 9.98 1.20 -14.22
CA ILE A 334 9.76 2.02 -15.39
C ILE A 334 10.29 1.24 -16.59
N TRP A 335 11.44 0.58 -16.46
CA TRP A 335 12.03 -0.22 -17.55
C TRP A 335 11.04 -1.27 -18.10
N TYR A 336 10.35 -1.97 -17.21
CA TYR A 336 9.36 -2.96 -17.65
C TYR A 336 8.06 -2.35 -18.17
N ASN A 337 7.57 -1.33 -17.48
CA ASN A 337 6.28 -0.71 -17.74
C ASN A 337 6.29 0.18 -19.00
N ASN A 338 7.47 0.69 -19.37
CA ASN A 338 7.57 1.72 -20.38
C ASN A 338 8.39 1.33 -21.61
N PHE A 339 9.14 0.23 -21.55
CA PHE A 339 9.87 -0.24 -22.74
C PHE A 339 9.50 -1.69 -23.14
N PHE A 340 9.39 -2.55 -22.14
CA PHE A 340 8.81 -3.85 -22.33
C PHE A 340 7.28 -3.81 -22.55
N GLY A 341 6.60 -2.75 -22.11
CA GLY A 341 5.15 -2.68 -22.23
C GLY A 341 4.34 -3.60 -21.29
N SER A 342 4.94 -3.88 -20.16
CA SER A 342 4.31 -4.62 -19.09
C SER A 342 3.31 -3.80 -18.37
N GLU A 343 2.08 -4.30 -18.39
CA GLU A 343 0.97 -3.61 -17.80
C GLU A 343 0.85 -3.84 -16.32
N THR A 344 1.48 -4.92 -15.80
CA THR A 344 1.33 -5.32 -14.39
C THR A 344 2.58 -5.34 -13.50
N GLN A 345 2.31 -5.60 -12.22
CA GLN A 345 3.26 -5.59 -11.10
C GLN A 345 2.71 -6.49 -9.97
N ALA A 346 3.36 -7.62 -9.78
CA ALA A 346 2.95 -8.55 -8.74
C ALA A 346 3.81 -8.30 -7.54
N VAL A 347 3.22 -8.48 -6.40
CA VAL A 347 3.92 -8.31 -5.15
C VAL A 347 3.57 -9.52 -4.36
N LEU A 348 4.61 -10.30 -4.03
CA LEU A 348 4.44 -11.64 -3.46
C LEU A 348 5.20 -11.74 -2.17
N PRO A 349 4.59 -11.41 -1.06
CA PRO A 349 5.29 -11.44 0.22
C PRO A 349 5.29 -12.84 0.85
N TYR A 350 6.48 -13.38 1.16
CA TYR A 350 6.58 -14.72 1.69
C TYR A 350 6.57 -14.67 3.25
N ASP A 351 5.47 -14.18 3.77
CA ASP A 351 5.24 -14.05 5.23
C ASP A 351 3.75 -13.94 5.39
N GLN A 352 3.16 -14.80 6.18
CA GLN A 352 1.70 -14.85 6.22
C GLN A 352 1.16 -13.53 6.81
N TYR A 353 1.92 -12.87 7.66
CA TYR A 353 1.45 -11.65 8.28
C TYR A 353 1.25 -10.51 7.27
N LEU A 354 1.95 -10.56 6.14
CA LEU A 354 1.86 -9.54 5.10
C LEU A 354 0.78 -9.85 4.08
N TRP A 355 -0.20 -10.66 4.42
CA TRP A 355 -1.17 -11.08 3.37
C TRP A 355 -2.04 -9.93 2.78
N ARG A 356 -2.14 -8.86 3.52
CA ARG A 356 -2.86 -7.68 3.15
C ARG A 356 -1.99 -6.60 2.39
N LEU A 357 -0.69 -6.83 2.34
CA LEU A 357 0.20 -5.88 1.71
C LEU A 357 -0.14 -5.60 0.23
N PRO A 358 -0.28 -6.62 -0.59
CA PRO A 358 -0.54 -6.37 -2.02
C PRO A 358 -1.76 -5.52 -2.24
N ALA A 359 -2.80 -5.73 -1.45
CA ALA A 359 -4.01 -4.90 -1.58
C ALA A 359 -3.71 -3.44 -1.25
N TYR A 360 -2.97 -3.22 -0.17
CA TYR A 360 -2.56 -1.91 0.25
C TYR A 360 -1.79 -1.22 -0.85
N LEU A 361 -0.87 -1.96 -1.46
CA LEU A 361 -0.10 -1.41 -2.56
C LEU A 361 -0.88 -1.14 -3.81
N GLN A 362 -1.97 -1.85 -4.05
CA GLN A 362 -2.86 -1.55 -5.18
C GLN A 362 -3.42 -0.17 -5.04
N GLN A 363 -4.01 0.09 -3.88
CA GLN A 363 -4.41 1.43 -3.51
C GLN A 363 -3.29 2.44 -3.69
N LEU A 364 -2.19 2.24 -2.97
CA LEU A 364 -1.09 3.17 -2.93
C LEU A 364 -0.61 3.50 -4.32
N ASP A 365 -0.33 2.48 -5.11
CA ASP A 365 0.33 2.69 -6.39
C ASP A 365 -0.73 3.11 -7.43
N MET A 366 -1.77 2.31 -7.63
CA MET A 366 -2.73 2.55 -8.70
C MET A 366 -3.52 3.85 -8.57
N GLU A 367 -4.03 4.16 -7.39
CA GLU A 367 -4.65 5.45 -7.18
C GLU A 367 -3.66 6.63 -7.22
N SER A 368 -2.39 6.43 -7.02
CA SER A 368 -1.52 7.60 -7.09
C SER A 368 -1.19 7.85 -8.55
N ASN A 369 -0.80 6.79 -9.26
CA ASN A 369 -0.17 6.92 -10.58
C ASN A 369 -1.00 6.40 -11.71
N GLY A 370 -2.25 6.13 -11.41
CA GLY A 370 -3.19 5.71 -12.41
C GLY A 370 -3.77 7.00 -12.98
N LYS A 371 -2.92 7.73 -13.70
CA LYS A 371 -3.24 9.07 -14.18
C LYS A 371 -3.02 9.20 -15.68
N GLY A 372 -3.85 10.03 -16.33
CA GLY A 372 -3.76 10.27 -17.77
C GLY A 372 -3.19 11.60 -18.26
N VAL A 373 -2.84 12.50 -17.35
CA VAL A 373 -2.30 13.83 -17.72
C VAL A 373 -1.15 14.27 -16.81
N THR A 374 -0.38 15.24 -17.32
CA THR A 374 0.78 15.78 -16.60
C THR A 374 0.34 16.98 -15.81
N LYS A 375 1.12 17.36 -14.81
CA LYS A 375 0.90 18.63 -14.08
C LYS A 375 0.79 19.80 -15.07
N LYS A 376 1.79 19.94 -15.94
CA LYS A 376 1.82 20.89 -17.09
C LYS A 376 0.50 20.98 -17.88
N SER A 377 -0.43 20.04 -17.59
CA SER A 377 -1.77 19.95 -18.18
C SER A 377 -1.71 19.54 -19.67
N GLY A 378 -0.73 18.70 -20.04
CA GLY A 378 -0.82 17.95 -21.28
C GLY A 378 -1.19 16.48 -21.03
N ALA A 379 -1.81 15.83 -21.99
CA ALA A 379 -1.98 14.36 -21.94
C ALA A 379 -0.65 13.61 -21.94
N VAL A 380 -0.53 12.57 -21.11
CA VAL A 380 0.75 11.84 -20.96
C VAL A 380 1.15 11.23 -22.28
N ALA A 381 2.43 11.14 -22.54
CA ALA A 381 2.87 10.59 -23.80
C ALA A 381 3.25 9.15 -23.61
N VAL A 382 3.14 8.65 -22.39
CA VAL A 382 3.68 7.33 -22.12
C VAL A 382 2.85 6.66 -21.10
N GLN A 383 3.06 5.36 -20.93
CA GLN A 383 2.32 4.58 -19.97
C GLN A 383 2.59 5.04 -18.56
N THR A 384 1.56 5.04 -17.72
CA THR A 384 1.75 5.38 -16.36
C THR A 384 1.59 4.12 -15.55
N GLY A 385 0.98 4.25 -14.38
CA GLY A 385 0.95 3.21 -13.35
C GLY A 385 0.53 1.87 -13.85
N PRO A 386 1.16 0.81 -13.35
CA PRO A 386 0.76 -0.55 -13.70
C PRO A 386 -0.38 -1.08 -12.79
N ILE A 387 -1.05 -2.10 -13.28
CA ILE A 387 -2.02 -2.84 -12.48
C ILE A 387 -1.23 -3.70 -11.44
N VAL A 388 -1.55 -3.48 -10.15
CA VAL A 388 -0.89 -4.21 -9.06
C VAL A 388 -1.73 -5.34 -8.56
N PHE A 389 -1.14 -6.53 -8.42
CA PHE A 389 -1.80 -7.72 -7.88
C PHE A 389 -0.82 -8.55 -7.09
N GLY A 390 -1.35 -9.58 -6.42
CA GLY A 390 -0.58 -10.46 -5.59
C GLY A 390 -1.27 -11.06 -4.41
N GLU A 391 -0.62 -12.07 -3.85
CA GLU A 391 -0.99 -12.74 -2.61
C GLU A 391 0.29 -13.26 -1.87
N ALA A 392 0.14 -13.54 -0.59
CA ALA A 392 1.15 -14.11 0.31
C ALA A 392 1.52 -15.52 -0.06
N GLY A 393 2.82 -15.77 -0.14
CA GLY A 393 3.41 -17.00 -0.64
C GLY A 393 3.33 -18.19 0.25
N THR A 394 2.88 -18.01 1.48
CA THR A 394 2.72 -19.14 2.41
C THR A 394 1.72 -20.17 1.84
N ASN A 395 0.48 -19.69 1.67
CA ASN A 395 -0.70 -20.43 1.18
C ASN A 395 -0.88 -20.46 -0.34
N GLY A 396 -1.27 -21.63 -0.85
CA GLY A 396 -1.39 -21.88 -2.28
C GLY A 396 0.00 -21.99 -2.90
N GLN A 397 0.74 -20.86 -2.86
CA GLN A 397 2.07 -20.66 -3.47
C GLN A 397 2.16 -21.36 -4.84
N HIS A 398 1.06 -21.14 -5.59
CA HIS A 398 0.83 -21.76 -6.90
C HIS A 398 -0.38 -21.12 -7.68
N ALA A 399 -1.48 -20.78 -7.01
CA ALA A 399 -2.71 -20.44 -7.74
C ALA A 399 -2.37 -19.92 -9.14
N PHE A 400 -1.84 -18.71 -9.23
CA PHE A 400 -1.52 -18.08 -10.49
C PHE A 400 -0.02 -18.11 -10.89
N TYR A 401 0.83 -18.72 -10.10
CA TYR A 401 2.20 -18.97 -10.54
C TYR A 401 2.31 -19.75 -11.86
N GLN A 402 1.43 -20.70 -12.16
CA GLN A 402 1.41 -21.27 -13.51
C GLN A 402 1.61 -20.23 -14.63
N LEU A 403 0.87 -19.15 -14.59
CA LEU A 403 0.94 -18.14 -15.63
C LEU A 403 2.22 -17.27 -15.55
N ILE A 404 2.67 -16.94 -14.35
CA ILE A 404 3.88 -16.18 -14.25
C ILE A 404 5.05 -17.03 -14.89
N HIS A 405 5.01 -18.36 -14.78
CA HIS A 405 6.10 -19.17 -15.30
C HIS A 405 5.97 -19.54 -16.81
N GLN A 406 4.78 -19.96 -17.24
CA GLN A 406 4.61 -20.48 -18.61
C GLN A 406 3.65 -19.75 -19.47
N GLY A 407 3.12 -18.61 -19.02
CA GLY A 407 2.23 -17.79 -19.84
C GLY A 407 2.94 -16.78 -20.75
N THR A 408 2.22 -15.91 -21.46
CA THR A 408 2.84 -15.02 -22.45
C THR A 408 2.94 -13.57 -22.09
N LYS A 409 2.89 -13.27 -20.79
CA LYS A 409 3.02 -11.86 -20.32
C LYS A 409 4.24 -11.77 -19.42
N ILE A 410 5.18 -10.82 -19.67
CA ILE A 410 6.28 -10.65 -18.70
C ILE A 410 5.66 -9.90 -17.56
N ILE A 411 5.69 -10.48 -16.36
CA ILE A 411 5.19 -9.79 -15.18
C ILE A 411 6.30 -9.58 -14.13
N PRO A 412 6.70 -8.32 -13.96
CA PRO A 412 7.61 -7.91 -12.88
C PRO A 412 7.14 -8.39 -11.53
N CYS A 413 7.98 -9.13 -10.82
CA CYS A 413 7.64 -9.68 -9.51
C CYS A 413 8.55 -9.18 -8.37
N ASP A 414 7.95 -8.48 -7.41
CA ASP A 414 8.61 -8.20 -6.14
C ASP A 414 8.28 -9.32 -5.15
N PHE A 415 9.24 -10.21 -4.90
CA PHE A 415 9.19 -11.18 -3.83
C PHE A 415 9.74 -10.52 -2.58
N ILE A 416 9.03 -10.58 -1.46
CA ILE A 416 9.42 -9.93 -0.23
C ILE A 416 9.50 -11.00 0.86
N GLY A 417 10.53 -10.99 1.68
CA GLY A 417 10.81 -12.09 2.63
C GLY A 417 11.66 -11.63 3.84
N CYS A 418 11.74 -12.51 4.83
CA CYS A 418 12.47 -12.28 6.10
C CYS A 418 13.43 -13.40 6.40
N VAL A 419 14.58 -13.06 6.93
CA VAL A 419 15.60 -14.02 7.30
C VAL A 419 15.23 -14.75 8.58
N GLN A 420 14.82 -13.97 9.57
CA GLN A 420 14.42 -14.48 10.87
C GLN A 420 12.94 -14.80 10.88
N THR A 421 12.55 -15.69 11.76
CA THR A 421 11.14 -16.06 11.87
C THR A 421 10.57 -15.74 13.26
N GLN A 422 9.34 -15.19 13.33
CA GLN A 422 8.67 -14.98 14.63
C GLN A 422 8.24 -16.30 15.41
N ASN A 423 8.91 -17.47 15.20
CA ASN A 423 8.66 -18.79 15.91
C ASN A 423 9.58 -19.92 15.41
N ARG A 424 10.27 -20.65 16.29
CA ARG A 424 11.23 -21.69 15.84
C ARG A 424 10.63 -23.13 15.67
N VAL A 425 9.34 -23.20 15.30
CA VAL A 425 8.60 -24.49 15.17
C VAL A 425 8.98 -25.33 13.92
N GLY A 426 9.63 -26.47 14.14
CA GLY A 426 10.12 -27.28 13.04
C GLY A 426 10.92 -26.45 12.03
N ASP A 427 10.88 -26.90 10.78
CA ASP A 427 11.63 -26.29 9.67
C ASP A 427 10.71 -25.63 8.68
N HIS A 428 9.73 -24.92 9.22
CA HIS A 428 8.70 -24.40 8.38
C HIS A 428 9.18 -23.20 7.63
N HIS A 429 10.09 -22.48 8.27
CA HIS A 429 10.64 -21.27 7.72
C HIS A 429 11.66 -21.58 6.65
N ARG A 430 12.49 -22.58 6.90
CA ARG A 430 13.48 -22.91 5.89
C ARG A 430 12.77 -23.37 4.61
N THR A 431 11.79 -24.26 4.75
CA THR A 431 11.01 -24.79 3.62
C THR A 431 10.42 -23.64 2.86
N LEU A 432 9.88 -22.68 3.60
CA LEU A 432 9.28 -21.52 2.97
C LEU A 432 10.36 -20.76 2.16
N MET A 433 11.52 -20.47 2.79
CA MET A 433 12.54 -19.66 2.14
C MET A 433 13.18 -20.40 0.97
N SER A 434 13.28 -21.73 1.05
CA SER A 434 13.73 -22.52 -0.10
C SER A 434 12.88 -22.19 -1.36
N ASN A 435 11.56 -22.09 -1.17
CA ASN A 435 10.62 -21.70 -2.23
C ASN A 435 10.86 -20.25 -2.64
N PHE A 436 11.02 -19.41 -1.65
CA PHE A 436 11.29 -18.01 -1.91
C PHE A 436 12.48 -17.82 -2.89
N PHE A 437 13.63 -18.41 -2.56
CA PHE A 437 14.78 -18.29 -3.43
C PHE A 437 14.57 -19.13 -4.72
N ALA A 438 13.87 -20.25 -4.62
CA ALA A 438 13.76 -21.08 -5.76
C ALA A 438 12.86 -20.46 -6.87
N GLN A 439 11.84 -19.70 -6.47
CA GLN A 439 10.91 -19.15 -7.44
C GLN A 439 11.62 -18.16 -8.35
N THR A 440 12.50 -17.32 -7.76
CA THR A 440 13.19 -16.28 -8.54
C THR A 440 14.26 -16.89 -9.47
N GLU A 441 14.97 -17.93 -8.97
CA GLU A 441 15.85 -18.76 -9.76
C GLU A 441 15.07 -19.39 -10.90
N ALA A 442 13.99 -20.09 -10.59
CA ALA A 442 13.27 -20.78 -11.64
C ALA A 442 12.90 -19.82 -12.78
N LEU A 443 12.32 -18.67 -12.42
CA LEU A 443 11.97 -17.60 -13.36
C LEU A 443 13.08 -17.16 -14.28
N MET A 444 14.29 -17.01 -13.74
CA MET A 444 15.43 -16.58 -14.56
C MET A 444 16.03 -17.68 -15.43
N VAL A 445 16.27 -18.86 -14.87
CA VAL A 445 17.04 -19.88 -15.58
C VAL A 445 16.15 -20.72 -16.51
N GLY A 446 14.91 -20.90 -16.09
CA GLY A 446 14.02 -21.79 -16.82
C GLY A 446 14.51 -23.24 -16.90
N LYS A 447 14.05 -23.98 -17.91
CA LYS A 447 14.32 -25.40 -18.13
C LYS A 447 14.13 -25.61 -19.63
N ASN A 448 15.23 -25.97 -20.28
CA ASN A 448 15.34 -25.99 -21.72
C ASN A 448 14.88 -27.31 -22.28
N ALA A 449 14.58 -27.35 -23.58
CA ALA A 449 14.22 -28.59 -24.25
C ALA A 449 15.08 -29.84 -23.91
N GLU A 450 16.40 -29.64 -23.86
CA GLU A 450 17.37 -30.71 -23.61
C GLU A 450 17.32 -31.12 -22.17
N GLU A 451 17.21 -30.18 -21.23
CA GLU A 451 17.08 -30.59 -19.82
C GLU A 451 15.87 -31.53 -19.60
N VAL A 452 14.77 -31.22 -20.26
CA VAL A 452 13.51 -31.97 -20.14
C VAL A 452 13.60 -33.27 -20.86
N ARG A 453 14.20 -33.24 -22.05
CA ARG A 453 14.51 -34.47 -22.76
C ARG A 453 15.36 -35.40 -21.91
N GLN A 454 16.42 -34.91 -21.28
CA GLN A 454 17.32 -35.77 -20.47
C GLN A 454 16.59 -36.29 -19.25
N GLU A 455 15.60 -35.52 -18.80
CA GLU A 455 14.83 -35.79 -17.59
C GLU A 455 13.76 -36.82 -17.89
N LEU A 456 13.22 -36.74 -19.10
CA LEU A 456 12.11 -37.62 -19.53
C LEU A 456 12.57 -38.98 -20.03
N VAL A 457 13.79 -39.06 -20.55
CA VAL A 457 14.41 -40.33 -20.89
C VAL A 457 14.58 -41.09 -19.58
N LYS A 458 15.20 -40.43 -18.59
CA LYS A 458 15.35 -41.00 -17.24
C LYS A 458 14.02 -41.45 -16.61
N SER A 459 12.91 -40.72 -16.83
CA SER A 459 11.58 -41.16 -16.38
C SER A 459 11.25 -42.55 -16.95
N GLY A 460 11.98 -42.91 -18.00
CA GLY A 460 11.72 -44.10 -18.79
C GLY A 460 10.47 -43.81 -19.58
N MET A 461 10.52 -42.80 -20.45
CA MET A 461 9.35 -42.45 -21.26
C MET A 461 9.54 -43.01 -22.63
N SER A 462 8.42 -43.39 -23.27
CA SER A 462 8.40 -43.87 -24.67
C SER A 462 9.28 -42.94 -25.53
N GLY A 463 9.91 -43.47 -26.56
CA GLY A 463 10.74 -42.65 -27.42
C GLY A 463 9.99 -41.59 -28.22
N ASP A 464 8.71 -41.86 -28.53
CA ASP A 464 7.88 -40.97 -29.36
C ASP A 464 7.01 -40.02 -28.53
N ALA A 465 6.45 -40.57 -27.44
CA ALA A 465 5.65 -39.79 -26.49
C ALA A 465 6.49 -38.70 -25.80
N ILE A 466 7.82 -38.81 -25.91
CA ILE A 466 8.75 -37.89 -25.26
C ILE A 466 8.88 -36.62 -26.09
N GLU A 467 8.92 -36.76 -27.40
CA GLU A 467 9.28 -35.64 -28.25
C GLU A 467 8.15 -34.59 -28.24
N ASN A 468 6.90 -35.03 -28.26
CA ASN A 468 5.78 -34.06 -28.27
C ASN A 468 5.37 -33.55 -26.86
N MET A 469 5.94 -34.15 -25.81
CA MET A 469 5.70 -33.73 -24.43
C MET A 469 6.69 -32.64 -23.98
N ILE A 470 7.92 -32.69 -24.55
CA ILE A 470 8.98 -31.71 -24.26
C ILE A 470 8.47 -30.24 -24.13
N PRO A 471 7.86 -29.64 -25.17
CA PRO A 471 7.46 -28.23 -25.09
C PRO A 471 6.54 -27.89 -23.93
N HIS A 472 5.69 -28.83 -23.57
CA HIS A 472 4.76 -28.58 -22.49
C HIS A 472 5.44 -28.34 -21.16
N LYS A 473 6.57 -29.03 -20.98
CA LYS A 473 7.29 -29.01 -19.72
C LYS A 473 8.52 -28.10 -19.77
N THR A 474 8.72 -27.36 -20.86
CA THR A 474 9.82 -26.38 -20.88
C THR A 474 9.41 -25.05 -20.31
N PHE A 475 10.43 -24.32 -19.87
CA PHE A 475 10.29 -23.03 -19.22
C PHE A 475 11.25 -22.07 -19.90
N THR A 476 10.74 -21.04 -20.52
CA THR A 476 11.58 -20.08 -21.25
C THR A 476 12.70 -19.50 -20.39
N GLY A 477 12.42 -19.35 -19.11
CA GLY A 477 13.20 -18.50 -18.27
C GLY A 477 13.22 -17.05 -18.75
N SER A 478 14.27 -16.37 -18.30
CA SER A 478 14.52 -14.96 -18.61
C SER A 478 13.37 -14.04 -18.22
N ARG A 479 12.78 -14.31 -17.04
CA ARG A 479 11.66 -13.54 -16.52
C ARG A 479 12.12 -12.89 -15.23
N PRO A 480 11.86 -11.62 -15.11
CA PRO A 480 12.42 -10.80 -14.02
C PRO A 480 11.80 -10.98 -12.61
N SER A 481 12.60 -10.69 -11.60
CA SER A 481 12.14 -10.69 -10.23
C SER A 481 13.05 -9.79 -9.45
N ASN A 482 12.49 -9.12 -8.43
CA ASN A 482 13.19 -8.42 -7.38
C ASN A 482 13.03 -9.23 -6.12
N SER A 483 14.13 -9.50 -5.41
CA SER A 483 14.10 -10.18 -4.12
C SER A 483 14.37 -9.08 -3.10
N ILE A 484 13.38 -8.80 -2.25
CA ILE A 484 13.50 -7.85 -1.16
C ILE A 484 13.55 -8.67 0.14
N LEU A 485 14.61 -8.47 0.91
CA LEU A 485 14.78 -9.12 2.19
C LEU A 485 14.86 -8.14 3.32
N VAL A 486 14.35 -8.62 4.44
CA VAL A 486 14.39 -7.90 5.68
C VAL A 486 14.96 -8.89 6.68
N ASN A 487 15.62 -8.41 7.72
CA ASN A 487 16.03 -9.37 8.73
C ASN A 487 14.88 -9.94 9.46
N ALA A 488 14.03 -9.09 10.00
CA ALA A 488 12.82 -9.55 10.66
C ALA A 488 11.71 -8.55 10.44
N LEU A 489 10.48 -9.04 10.27
CA LEU A 489 9.33 -8.17 10.14
C LEU A 489 8.85 -7.55 11.50
N THR A 490 9.52 -6.49 11.89
CA THR A 490 9.22 -5.75 13.09
C THR A 490 8.53 -4.46 12.64
N PRO A 491 7.94 -3.74 13.61
CA PRO A 491 7.36 -2.44 13.29
C PRO A 491 8.28 -1.59 12.44
N ARG A 492 9.53 -1.51 12.82
CA ARG A 492 10.46 -0.68 12.12
C ARG A 492 10.68 -1.21 10.71
N ALA A 493 10.78 -2.52 10.54
CA ALA A 493 11.02 -3.06 9.20
C ALA A 493 9.84 -2.77 8.28
N LEU A 494 8.62 -3.02 8.76
CA LEU A 494 7.38 -2.75 8.03
C LEU A 494 7.27 -1.32 7.62
N GLY A 495 7.72 -0.45 8.50
CA GLY A 495 7.58 0.97 8.25
C GLY A 495 8.48 1.33 7.07
N ALA A 496 9.67 0.74 7.04
CA ALA A 496 10.58 1.01 5.95
C ALA A 496 10.05 0.38 4.64
N ILE A 497 9.41 -0.82 4.68
CA ILE A 497 8.95 -1.38 3.44
C ILE A 497 7.83 -0.45 2.92
N ILE A 498 6.95 0.04 3.81
CA ILE A 498 5.89 0.88 3.28
C ILE A 498 6.49 2.16 2.64
N ALA A 499 7.37 2.85 3.34
CA ALA A 499 7.94 4.08 2.82
C ALA A 499 8.68 3.88 1.51
N MET A 500 9.22 2.69 1.33
CA MET A 500 9.99 2.40 0.14
C MET A 500 9.07 2.42 -1.05
N TYR A 501 7.92 1.80 -0.89
CA TYR A 501 6.98 1.77 -1.99
C TYR A 501 6.45 3.14 -2.18
N GLU A 502 6.38 3.94 -1.13
CA GLU A 502 5.81 5.26 -1.30
C GLU A 502 6.75 6.08 -2.13
N HIS A 503 8.03 6.00 -1.87
CA HIS A 503 8.99 6.79 -2.64
C HIS A 503 9.15 6.20 -4.03
N LYS A 504 8.92 4.91 -4.17
CA LYS A 504 8.92 4.30 -5.52
C LYS A 504 7.85 4.95 -6.36
N VAL A 505 6.65 5.01 -5.82
CA VAL A 505 5.55 5.71 -6.51
C VAL A 505 5.89 7.18 -6.74
N LEU A 506 6.62 7.81 -5.81
CA LEU A 506 7.01 9.22 -5.99
C LEU A 506 7.87 9.37 -7.25
N VAL A 507 8.88 8.52 -7.32
CA VAL A 507 9.89 8.59 -8.36
C VAL A 507 9.28 8.38 -9.72
N GLN A 508 8.36 7.42 -9.84
CA GLN A 508 7.74 7.12 -11.11
C GLN A 508 6.88 8.24 -11.58
N GLY A 509 6.11 8.79 -10.66
CA GLY A 509 5.23 9.91 -10.98
C GLY A 509 5.99 11.16 -11.41
N ALA A 510 7.15 11.40 -10.83
CA ALA A 510 7.97 12.55 -11.23
C ALA A 510 8.56 12.36 -12.63
N ILE A 511 8.99 11.15 -12.92
CA ILE A 511 9.58 10.83 -14.19
C ILE A 511 8.48 11.01 -15.26
N TRP A 512 7.29 10.47 -15.04
CA TRP A 512 6.21 10.58 -16.01
C TRP A 512 5.58 11.97 -16.03
N GLY A 513 5.93 12.80 -15.05
CA GLY A 513 5.35 14.11 -15.01
C GLY A 513 3.90 14.21 -14.56
N ILE A 514 3.35 13.23 -13.82
CA ILE A 514 1.99 13.31 -13.26
C ILE A 514 1.90 13.82 -11.81
N ASN A 515 0.70 14.22 -11.38
CA ASN A 515 0.46 14.53 -9.98
C ASN A 515 0.05 13.27 -9.27
N SER A 516 0.94 12.72 -8.46
CA SER A 516 0.73 11.44 -7.84
C SER A 516 -0.21 11.52 -6.67
N TYR A 517 -0.60 12.74 -6.29
CA TYR A 517 -1.20 12.98 -4.97
C TYR A 517 -2.67 13.48 -5.00
N ASP A 518 -3.20 13.71 -6.20
CA ASP A 518 -4.64 13.94 -6.34
C ASP A 518 -5.33 12.60 -6.68
N GLN A 519 -6.65 12.57 -6.66
CA GLN A 519 -7.45 11.43 -7.06
C GLN A 519 -8.81 11.90 -7.66
N TRP A 520 -8.78 12.46 -8.88
CA TRP A 520 -10.02 13.03 -9.43
C TRP A 520 -10.88 11.97 -10.02
N GLY A 521 -10.26 10.87 -10.42
CA GLY A 521 -10.91 9.73 -11.04
C GLY A 521 -12.19 9.13 -10.48
N VAL A 522 -12.49 9.39 -9.21
CA VAL A 522 -13.72 8.84 -8.61
C VAL A 522 -14.94 9.75 -8.84
N GLU A 523 -14.73 11.01 -9.21
CA GLU A 523 -15.86 11.95 -9.21
C GLU A 523 -16.99 11.51 -10.15
N LEU A 524 -16.65 11.12 -11.40
CA LEU A 524 -17.64 10.83 -12.43
C LEU A 524 -18.58 9.76 -11.98
N GLY A 525 -18.00 8.69 -11.45
CA GLY A 525 -18.79 7.56 -11.02
C GLY A 525 -19.82 7.96 -9.98
N LYS A 526 -19.43 8.90 -9.11
CA LYS A 526 -20.30 9.30 -8.01
C LYS A 526 -21.38 10.16 -8.51
N VAL A 527 -21.08 11.04 -9.46
CA VAL A 527 -22.08 12.00 -9.89
C VAL A 527 -23.16 11.22 -10.64
N LEU A 528 -22.73 10.27 -11.47
CA LEU A 528 -23.66 9.51 -12.28
C LEU A 528 -24.52 8.63 -11.38
N ALA A 529 -23.96 8.18 -10.29
CA ALA A 529 -24.72 7.34 -9.34
C ALA A 529 -25.80 8.13 -8.55
N LYS A 530 -25.49 9.34 -8.09
CA LYS A 530 -26.46 10.17 -7.35
C LYS A 530 -27.62 10.49 -8.26
N SER A 531 -27.32 10.64 -9.53
CA SER A 531 -28.35 10.87 -10.54
C SER A 531 -29.14 9.61 -10.92
N ILE A 532 -28.52 8.40 -10.90
CA ILE A 532 -29.23 7.13 -11.20
C ILE A 532 -30.19 6.75 -10.01
N LEU A 533 -29.86 7.18 -8.81
CA LEU A 533 -30.52 6.73 -7.57
C LEU A 533 -32.00 7.04 -7.46
N PRO A 534 -32.42 8.29 -7.60
CA PRO A 534 -33.87 8.58 -7.63
C PRO A 534 -34.63 7.79 -8.66
N GLN A 535 -33.95 7.34 -9.71
CA GLN A 535 -34.60 6.58 -10.79
C GLN A 535 -34.81 5.08 -10.49
N LEU A 536 -34.21 4.56 -9.43
CA LEU A 536 -34.44 3.16 -9.05
C LEU A 536 -35.73 3.02 -8.25
N LYS A 537 -36.86 2.91 -8.95
CA LYS A 537 -38.10 2.71 -8.28
C LYS A 537 -39.00 1.78 -9.11
N SER A 538 -39.94 1.13 -8.43
CA SER A 538 -40.73 0.08 -9.03
C SER A 538 -41.48 0.60 -10.25
N GLY A 539 -41.36 -0.12 -11.37
CA GLY A 539 -42.07 0.20 -12.60
C GLY A 539 -41.48 1.38 -13.39
N ASN A 540 -40.48 2.06 -12.85
CA ASN A 540 -39.93 3.23 -13.53
C ASN A 540 -39.16 2.85 -14.78
N ILE A 541 -39.42 3.60 -15.84
CA ILE A 541 -38.66 3.55 -17.07
C ILE A 541 -37.93 4.88 -17.31
N VAL A 542 -36.62 4.76 -17.55
CA VAL A 542 -35.73 5.87 -17.87
C VAL A 542 -35.31 5.85 -19.34
N SER A 543 -35.01 7.03 -19.87
CA SER A 543 -34.62 7.17 -21.27
C SER A 543 -33.49 8.17 -21.47
N ASP A 544 -32.94 8.71 -20.39
CA ASP A 544 -32.03 9.85 -20.46
C ASP A 544 -30.57 9.47 -20.44
N HIS A 545 -30.30 8.18 -20.42
CA HIS A 545 -28.94 7.62 -20.57
C HIS A 545 -28.79 6.97 -21.97
N ASP A 546 -27.64 6.35 -22.19
CA ASP A 546 -27.41 5.52 -23.35
C ASP A 546 -28.28 4.24 -23.19
N GLY A 547 -28.50 3.50 -24.29
CA GLY A 547 -29.41 2.36 -24.30
C GLY A 547 -29.03 1.27 -23.32
N SER A 548 -27.73 1.06 -23.07
CA SER A 548 -27.30 -0.03 -22.18
C SER A 548 -27.68 0.28 -20.73
N THR A 549 -27.28 1.45 -20.26
CA THR A 549 -27.58 1.92 -18.92
C THR A 549 -29.08 1.99 -18.73
N ASN A 550 -29.78 2.41 -19.80
CA ASN A 550 -31.22 2.52 -19.77
C ASN A 550 -31.79 1.11 -19.59
N GLY A 551 -31.45 0.19 -20.47
CA GLY A 551 -32.02 -1.13 -20.35
C GLY A 551 -31.68 -1.82 -19.04
N LEU A 552 -30.50 -1.56 -18.51
CA LEU A 552 -30.05 -2.17 -17.23
C LEU A 552 -30.91 -1.53 -16.11
N ILE A 553 -30.90 -0.19 -15.99
CA ILE A 553 -31.72 0.46 -14.97
C ILE A 553 -33.17 -0.05 -15.09
N ASN A 554 -33.62 -0.27 -16.32
CA ASN A 554 -35.02 -0.61 -16.60
C ASN A 554 -35.38 -2.07 -16.28
N MET A 555 -34.43 -2.99 -16.47
CA MET A 555 -34.58 -4.40 -16.08
C MET A 555 -34.70 -4.50 -14.53
N PHE A 556 -33.83 -3.76 -13.86
CA PHE A 556 -33.80 -3.69 -12.41
C PHE A 556 -35.15 -3.18 -11.95
N ASN A 557 -35.60 -2.08 -12.53
CA ASN A 557 -36.86 -1.48 -12.11
C ASN A 557 -38.08 -2.36 -12.27
N THR A 558 -38.09 -3.20 -13.30
CA THR A 558 -39.24 -4.04 -13.57
C THR A 558 -39.17 -5.37 -12.86
N ARG A 559 -38.02 -5.73 -12.36
CA ARG A 559 -37.84 -7.06 -11.80
C ARG A 559 -37.65 -7.04 -10.29
N ALA A 560 -37.19 -5.89 -9.79
CA ALA A 560 -37.02 -5.64 -8.36
C ALA A 560 -38.29 -5.83 -7.51
N HIS A 561 -38.04 -6.12 -6.24
CA HIS A 561 -39.05 -6.51 -5.24
C HIS A 561 -40.52 -6.55 -5.66
#